data_7VQB
#
_entry.id   7VQB
#
_cell.length_a   111.642
_cell.length_b   80.778
_cell.length_c   59.806
_cell.angle_alpha   90.000
_cell.angle_beta   103.560
_cell.angle_gamma   90.000
#
_symmetry.space_group_name_H-M   'C 1 2 1'
#
loop_
_entity.id
_entity.type
_entity.pdbx_description
1 polymer Di-trans-poly-cis-decaprenylcistransferase
2 non-polymer 'DIMETHYLALLYL DIPHOSPHATE'
3 non-polymer 'FARNESYL DIPHOSPHATE'
4 non-polymer 'MAGNESIUM ION'
5 non-polymer 'SULFATE ION'
6 water water
#
_entity_poly.entity_id   1
_entity_poly.type   'polypeptide(L)'
_entity_poly.pdbx_seq_one_letter_code
;MGGYFLDTPKFKRLPGHIAIIPDGNRRWALDRGLEKHEGYKHGIVPGLELYDICVKIGIGEVTFFGFTQDNTKRPQIQRK
AFVDACIKSVKELSKHDAELLVVGNTNSDMFPKELLAYTKRTKFGKGKVRINFLVNYGWYWDLTYAFENSSDSKKMIENI
ASAEIPRIDLLIRWGGRRRLSGMLPVQTVYSDIYVVDEMWPDFKPEHLFNALEFYQDQDITLGG
;
_entity_poly.pdbx_strand_id   A,B
#
# COMPACT_ATOMS: atom_id res chain seq x y z
N THR A 8 18.23 13.31 18.21
CA THR A 8 17.03 12.45 18.40
C THR A 8 16.02 13.17 19.28
N PRO A 9 14.85 13.61 18.76
CA PRO A 9 13.75 14.11 19.60
C PRO A 9 13.25 13.12 20.67
N LYS A 10 12.31 13.57 21.49
CA LYS A 10 11.81 12.86 22.69
C LYS A 10 10.50 12.14 22.35
N PHE A 11 10.56 11.17 21.44
CA PHE A 11 9.39 10.41 20.93
C PHE A 11 8.60 9.80 22.09
N LYS A 12 7.28 9.90 22.03
CA LYS A 12 6.31 9.17 22.88
C LYS A 12 6.22 7.71 22.43
N ARG A 13 6.47 7.48 21.15
CA ARG A 13 6.24 6.20 20.48
C ARG A 13 7.12 6.12 19.25
N LEU A 14 7.64 4.94 18.97
CA LEU A 14 8.40 4.65 17.75
C LEU A 14 7.68 3.53 17.03
N PRO A 15 7.89 3.41 15.72
CA PRO A 15 7.51 2.20 15.00
C PRO A 15 8.35 1.03 15.52
N GLY A 16 7.74 -0.13 15.64
CA GLY A 16 8.47 -1.39 15.88
C GLY A 16 9.27 -1.77 14.64
N HIS A 17 8.71 -1.49 13.46
CA HIS A 17 9.26 -2.01 12.19
C HIS A 17 9.07 -0.94 11.11
N ILE A 18 10.18 -0.46 10.57
CA ILE A 18 10.19 0.54 9.48
C ILE A 18 10.61 -0.15 8.20
N ALA A 19 9.93 0.17 7.11
CA ALA A 19 10.26 -0.28 5.75
C ALA A 19 10.76 0.94 5.00
N ILE A 20 11.83 0.74 4.22
CA ILE A 20 12.54 1.81 3.48
C ILE A 20 12.46 1.48 2.00
N ILE A 21 11.96 2.41 1.20
CA ILE A 21 12.03 2.28 -0.29
C ILE A 21 13.00 3.34 -0.77
N PRO A 22 14.26 2.93 -1.00
CA PRO A 22 15.34 3.84 -1.35
C PRO A 22 15.35 4.16 -2.86
N ASP A 23 14.28 4.82 -3.32
CA ASP A 23 13.99 5.07 -4.75
C ASP A 23 14.67 6.37 -5.20
N GLY A 24 14.93 6.50 -6.50
CA GLY A 24 15.38 7.77 -7.11
C GLY A 24 16.88 7.79 -7.40
N ASN A 25 17.55 6.64 -7.42
CA ASN A 25 19.03 6.61 -7.60
C ASN A 25 19.37 7.06 -9.03
N ARG A 26 18.61 6.62 -10.04
CA ARG A 26 18.91 6.96 -11.45
C ARG A 26 18.65 8.46 -11.65
N ARG A 27 17.53 8.99 -11.17
CA ARG A 27 17.22 10.45 -11.32
C ARG A 27 18.30 11.27 -10.62
N TRP A 28 18.77 10.82 -9.47
CA TRP A 28 19.81 11.54 -8.71
C TRP A 28 21.12 11.59 -9.52
N ALA A 29 21.52 10.46 -10.09
CA ALA A 29 22.70 10.33 -10.98
C ALA A 29 22.57 11.28 -12.19
N LEU A 30 21.46 11.18 -12.95
CA LEU A 30 21.21 12.06 -14.13
C LEU A 30 21.30 13.53 -13.73
N ASP A 31 20.69 13.91 -12.60
CA ASP A 31 20.71 15.30 -12.13
C ASP A 31 22.15 15.75 -11.88
N ARG A 32 23.06 14.84 -11.52
CA ARG A 32 24.49 15.15 -11.27
C ARG A 32 25.35 14.99 -12.54
N GLY A 33 24.76 14.67 -13.70
CA GLY A 33 25.49 14.47 -14.97
C GLY A 33 26.24 13.14 -15.03
N LEU A 34 25.88 12.21 -14.14
CA LEU A 34 26.41 10.82 -14.12
C LEU A 34 25.54 9.95 -15.03
N GLU A 35 26.01 8.75 -15.37
CA GLU A 35 25.20 7.72 -16.03
C GLU A 35 24.19 7.17 -15.00
N LYS A 36 23.04 6.72 -15.47
CA LYS A 36 21.91 6.25 -14.64
C LYS A 36 22.42 5.26 -13.59
N HIS A 37 23.28 4.31 -13.99
CA HIS A 37 23.76 3.19 -13.12
C HIS A 37 24.68 3.70 -12.00
N GLU A 38 25.21 4.93 -12.09
CA GLU A 38 26.22 5.41 -11.13
C GLU A 38 25.54 5.89 -9.84
N GLY A 39 24.22 6.00 -9.80
CA GLY A 39 23.53 6.50 -8.61
C GLY A 39 23.59 5.49 -7.46
N TYR A 40 23.56 4.21 -7.76
CA TYR A 40 23.38 3.12 -6.76
C TYR A 40 24.50 3.19 -5.72
N LYS A 41 25.74 3.42 -6.14
CA LYS A 41 26.90 3.41 -5.21
C LYS A 41 26.70 4.55 -4.22
N HIS A 42 25.97 5.60 -4.59
CA HIS A 42 25.72 6.80 -3.73
C HIS A 42 24.50 6.57 -2.81
N GLY A 43 23.90 5.39 -2.86
CA GLY A 43 22.78 4.97 -1.99
C GLY A 43 23.27 4.13 -0.84
N ILE A 44 24.55 3.76 -0.83
CA ILE A 44 25.07 2.82 0.20
C ILE A 44 25.20 3.57 1.53
N VAL A 45 25.86 4.73 1.52
CA VAL A 45 26.17 5.44 2.78
C VAL A 45 24.88 5.93 3.41
N PRO A 46 23.90 6.48 2.64
CA PRO A 46 22.57 6.74 3.19
C PRO A 46 21.93 5.59 4.00
N GLY A 47 22.05 4.34 3.50
CA GLY A 47 21.59 3.11 4.19
C GLY A 47 22.26 2.94 5.54
N LEU A 48 23.58 3.08 5.58
CA LEU A 48 24.40 2.96 6.82
C LEU A 48 24.05 4.09 7.78
N GLU A 49 23.85 5.29 7.26
CA GLU A 49 23.43 6.46 8.07
C GLU A 49 22.05 6.16 8.67
N LEU A 50 21.15 5.60 7.89
CA LEU A 50 19.78 5.36 8.37
C LEU A 50 19.84 4.32 9.49
N TYR A 51 20.56 3.21 9.27
CA TYR A 51 20.81 2.19 10.32
C TYR A 51 21.34 2.87 11.59
N ASP A 52 22.42 3.63 11.49
CA ASP A 52 23.08 4.25 12.66
C ASP A 52 22.02 5.04 13.42
N ILE A 53 21.19 5.83 12.74
CA ILE A 53 20.15 6.61 13.46
C ILE A 53 19.15 5.66 14.11
N CYS A 54 18.74 4.60 13.41
CA CYS A 54 17.74 3.64 13.92
C CYS A 54 18.28 3.02 15.22
N VAL A 55 19.55 2.61 15.22
CA VAL A 55 20.20 2.03 16.41
C VAL A 55 20.16 3.08 17.51
N LYS A 56 20.48 4.32 17.18
CA LYS A 56 20.61 5.38 18.20
C LYS A 56 19.23 5.67 18.79
N ILE A 57 18.16 5.68 18.02
CA ILE A 57 16.88 6.16 18.59
C ILE A 57 16.09 4.98 19.15
N GLY A 58 16.46 3.75 18.80
CA GLY A 58 15.82 2.54 19.36
C GLY A 58 14.82 1.85 18.43
N ILE A 59 14.93 2.05 17.11
CA ILE A 59 14.12 1.25 16.12
C ILE A 59 14.63 -0.19 16.15
N GLY A 60 13.74 -1.15 16.37
CA GLY A 60 14.18 -2.55 16.52
C GLY A 60 14.30 -3.29 15.19
N GLU A 61 13.60 -2.83 14.14
CA GLU A 61 13.57 -3.60 12.87
C GLU A 61 13.41 -2.65 11.68
N VAL A 62 14.24 -2.86 10.66
CA VAL A 62 14.16 -2.08 9.39
C VAL A 62 14.17 -3.06 8.23
N THR A 63 13.28 -2.88 7.27
CA THR A 63 13.33 -3.63 6.00
C THR A 63 13.65 -2.69 4.87
N PHE A 64 14.74 -2.93 4.15
CA PHE A 64 15.11 -2.21 2.92
C PHE A 64 14.57 -2.98 1.71
N PHE A 65 13.92 -2.25 0.81
CA PHE A 65 13.59 -2.77 -0.54
C PHE A 65 14.88 -2.66 -1.36
N GLY A 66 15.55 -3.76 -1.66
CA GLY A 66 16.81 -3.78 -2.44
C GLY A 66 16.51 -3.78 -3.93
N PHE A 67 15.89 -4.82 -4.47
CA PHE A 67 15.45 -4.80 -5.88
C PHE A 67 14.48 -5.94 -6.14
N THR A 68 13.63 -5.76 -7.15
CA THR A 68 12.56 -6.68 -7.51
C THR A 68 13.00 -7.52 -8.70
N GLN A 69 12.28 -8.59 -8.95
CA GLN A 69 12.54 -9.40 -10.17
C GLN A 69 12.36 -8.49 -11.39
N ASP A 70 11.36 -7.60 -11.41
CA ASP A 70 11.13 -6.71 -12.57
C ASP A 70 12.35 -5.80 -12.79
N ASN A 71 12.97 -5.32 -11.71
CA ASN A 71 14.19 -4.49 -11.75
C ASN A 71 15.26 -5.22 -12.58
N THR A 72 15.29 -6.55 -12.57
CA THR A 72 16.37 -7.31 -13.25
C THR A 72 16.15 -7.35 -14.78
N LYS A 73 15.05 -6.82 -15.30
CA LYS A 73 14.83 -6.67 -16.77
C LYS A 73 15.47 -5.38 -17.27
N ARG A 74 15.92 -4.50 -16.36
CA ARG A 74 16.69 -3.28 -16.73
C ARG A 74 17.97 -3.70 -17.44
N PRO A 75 18.61 -2.79 -18.19
CA PRO A 75 19.88 -3.13 -18.87
C PRO A 75 20.95 -3.68 -17.92
N GLN A 76 21.79 -4.52 -18.50
CA GLN A 76 22.85 -5.24 -17.75
C GLN A 76 23.64 -4.23 -16.92
N ILE A 77 23.98 -3.07 -17.47
CA ILE A 77 24.90 -2.14 -16.75
C ILE A 77 24.19 -1.64 -15.47
N GLN A 78 22.87 -1.45 -15.50
CA GLN A 78 22.11 -0.98 -14.30
C GLN A 78 22.03 -2.13 -13.29
N ARG A 79 21.66 -3.33 -13.77
CA ARG A 79 21.48 -4.52 -12.93
C ARG A 79 22.80 -4.78 -12.17
N LYS A 80 23.92 -4.80 -12.87
CA LYS A 80 25.22 -5.08 -12.20
C LYS A 80 25.49 -4.00 -11.14
N ALA A 81 25.28 -2.72 -11.45
CA ALA A 81 25.53 -1.62 -10.49
C ALA A 81 24.60 -1.75 -9.27
N PHE A 82 23.30 -2.02 -9.43
CA PHE A 82 22.40 -2.07 -8.25
C PHE A 82 22.63 -3.38 -7.49
N VAL A 83 22.94 -4.49 -8.16
CA VAL A 83 23.28 -5.72 -7.40
C VAL A 83 24.58 -5.46 -6.62
N ASP A 84 25.58 -4.86 -7.26
CA ASP A 84 26.88 -4.60 -6.60
C ASP A 84 26.63 -3.77 -5.32
N ALA A 85 25.78 -2.77 -5.41
CA ALA A 85 25.56 -1.80 -4.32
C ALA A 85 24.79 -2.52 -3.20
N CYS A 86 23.87 -3.43 -3.54
CA CYS A 86 23.13 -4.27 -2.55
C CYS A 86 24.12 -5.13 -1.77
N ILE A 87 24.98 -5.87 -2.47
CA ILE A 87 26.00 -6.74 -1.82
C ILE A 87 26.86 -5.87 -0.89
N LYS A 88 27.38 -4.78 -1.43
CA LYS A 88 28.23 -3.84 -0.66
C LYS A 88 27.47 -3.38 0.57
N SER A 89 26.20 -2.99 0.43
CA SER A 89 25.38 -2.49 1.57
C SER A 89 25.33 -3.58 2.65
N VAL A 90 25.19 -4.84 2.26
CA VAL A 90 24.99 -5.94 3.24
C VAL A 90 26.31 -6.16 3.97
N LYS A 91 27.41 -6.20 3.20
CA LYS A 91 28.80 -6.37 3.69
C LYS A 91 29.10 -5.29 4.73
N GLU A 92 28.85 -4.04 4.37
CA GLU A 92 29.07 -2.89 5.26
C GLU A 92 28.21 -3.07 6.51
N LEU A 93 26.93 -3.44 6.37
CA LEU A 93 26.02 -3.54 7.53
C LEU A 93 26.52 -4.64 8.47
N SER A 94 27.18 -5.65 7.93
CA SER A 94 27.68 -6.79 8.73
C SER A 94 28.85 -6.36 9.62
N LYS A 95 29.49 -5.20 9.37
CA LYS A 95 30.53 -4.66 10.27
C LYS A 95 29.88 -3.85 11.39
N HIS A 96 28.55 -3.79 11.44
CA HIS A 96 27.81 -3.12 12.54
C HIS A 96 27.12 -4.20 13.41
N ASP A 97 26.18 -3.77 14.24
CA ASP A 97 25.52 -4.61 15.26
C ASP A 97 24.13 -4.91 14.70
N ALA A 98 24.07 -5.60 13.58
CA ALA A 98 22.82 -5.83 12.83
C ALA A 98 22.61 -7.33 12.75
N GLU A 99 21.38 -7.75 12.91
CA GLU A 99 20.90 -9.12 12.65
C GLU A 99 20.29 -9.08 11.25
N LEU A 100 21.02 -9.54 10.24
CA LEU A 100 20.70 -9.36 8.80
C LEU A 100 19.88 -10.54 8.30
N LEU A 101 18.81 -10.27 7.56
CA LEU A 101 18.11 -11.32 6.78
C LEU A 101 17.87 -10.78 5.38
N VAL A 102 18.23 -11.60 4.38
CA VAL A 102 17.94 -11.35 2.95
C VAL A 102 16.80 -12.27 2.54
N VAL A 103 15.79 -11.69 1.94
CA VAL A 103 14.60 -12.40 1.43
C VAL A 103 14.47 -12.11 -0.05
N GLY A 104 14.38 -13.16 -0.85
CA GLY A 104 14.17 -12.99 -2.30
C GLY A 104 14.20 -14.33 -2.97
N ASN A 105 13.96 -14.32 -4.27
CA ASN A 105 13.87 -15.55 -5.07
C ASN A 105 15.28 -16.05 -5.36
N THR A 106 15.72 -17.07 -4.62
CA THR A 106 17.08 -17.65 -4.74
C THR A 106 17.13 -18.66 -5.89
N ASN A 107 15.96 -19.18 -6.28
CA ASN A 107 15.84 -20.12 -7.43
C ASN A 107 15.83 -19.28 -8.71
N SER A 108 16.88 -18.51 -8.96
CA SER A 108 16.99 -17.53 -10.08
C SER A 108 18.46 -17.20 -10.28
N ASP A 109 18.90 -17.09 -11.54
CA ASP A 109 20.28 -16.64 -11.84
C ASP A 109 20.40 -15.18 -11.47
N MET A 110 19.28 -14.47 -11.24
CA MET A 110 19.32 -13.03 -10.88
C MET A 110 19.54 -12.85 -9.37
N PHE A 111 19.51 -13.92 -8.58
CA PHE A 111 19.79 -13.76 -7.12
C PHE A 111 21.31 -13.77 -6.96
N PRO A 112 21.90 -12.70 -6.40
CA PRO A 112 23.35 -12.65 -6.21
C PRO A 112 23.84 -13.72 -5.22
N LYS A 113 24.73 -14.60 -5.69
CA LYS A 113 25.19 -15.76 -4.91
C LYS A 113 25.84 -15.28 -3.61
N GLU A 114 26.43 -14.08 -3.61
CA GLU A 114 27.15 -13.51 -2.43
C GLU A 114 26.15 -13.32 -1.28
N LEU A 115 24.86 -13.22 -1.58
CA LEU A 115 23.87 -12.85 -0.54
C LEU A 115 23.10 -14.09 -0.07
N LEU A 116 23.35 -15.28 -0.64
CA LEU A 116 22.64 -16.52 -0.21
C LEU A 116 23.00 -16.77 1.27
N ALA A 117 24.21 -16.41 1.69
CA ALA A 117 24.70 -16.60 3.07
C ALA A 117 23.73 -15.96 4.07
N TYR A 118 22.98 -14.93 3.66
CA TYR A 118 22.18 -14.10 4.60
C TYR A 118 20.69 -14.41 4.48
N THR A 119 20.33 -15.54 3.84
CA THR A 119 18.91 -15.97 3.68
C THR A 119 18.47 -16.69 4.95
N LYS A 120 19.38 -16.88 5.89
CA LYS A 120 19.02 -17.20 7.27
C LYS A 120 19.49 -16.05 8.15
N ARG A 121 18.66 -15.60 9.09
CA ARG A 121 18.98 -14.40 9.89
C ARG A 121 20.29 -14.64 10.64
N THR A 122 21.21 -13.69 10.48
CA THR A 122 22.61 -13.74 10.90
C THR A 122 22.90 -12.51 11.78
N LYS A 123 23.20 -12.77 13.05
CA LYS A 123 23.56 -11.74 14.05
C LYS A 123 25.03 -11.36 13.82
N PHE A 124 25.30 -10.08 13.56
CA PHE A 124 26.67 -9.51 13.55
C PHE A 124 26.87 -8.66 14.79
N GLY A 125 28.07 -8.75 15.38
CA GLY A 125 28.40 -8.08 16.66
C GLY A 125 27.27 -8.26 17.65
N LYS A 126 26.75 -7.17 18.20
CA LYS A 126 25.74 -7.19 19.30
C LYS A 126 24.31 -7.40 18.76
N GLY A 127 24.07 -7.41 17.44
CA GLY A 127 22.72 -7.62 16.88
C GLY A 127 21.70 -6.68 17.49
N LYS A 128 21.95 -5.36 17.42
CA LYS A 128 21.15 -4.30 18.09
C LYS A 128 19.85 -3.98 17.33
N VAL A 129 19.79 -4.28 16.03
CA VAL A 129 18.62 -3.99 15.17
C VAL A 129 18.50 -5.13 14.13
N ARG A 130 17.28 -5.60 13.89
CA ARG A 130 16.98 -6.55 12.80
C ARG A 130 16.91 -5.76 11.49
N ILE A 131 17.70 -6.16 10.50
CA ILE A 131 17.68 -5.53 9.16
C ILE A 131 17.31 -6.62 8.17
N ASN A 132 16.22 -6.42 7.47
CA ASN A 132 15.83 -7.29 6.34
C ASN A 132 16.12 -6.54 5.05
N PHE A 133 16.52 -7.30 4.05
CA PHE A 133 16.84 -6.81 2.69
C PHE A 133 16.05 -7.63 1.70
N LEU A 134 15.23 -6.98 0.89
CA LEU A 134 14.51 -7.66 -0.22
C LEU A 134 15.37 -7.62 -1.47
N VAL A 135 15.80 -8.81 -1.92
CA VAL A 135 16.76 -8.98 -3.02
C VAL A 135 16.16 -9.95 -4.04
N ASN A 136 15.97 -9.47 -5.27
CA ASN A 136 15.31 -10.27 -6.34
C ASN A 136 13.95 -10.67 -5.78
N TYR A 137 13.25 -9.68 -5.21
CA TYR A 137 11.95 -9.89 -4.55
C TYR A 137 10.84 -9.65 -5.58
N GLY A 138 9.75 -10.40 -5.44
CA GLY A 138 8.50 -10.16 -6.17
C GLY A 138 7.31 -10.47 -5.29
N TRP A 139 6.30 -9.59 -5.28
CA TRP A 139 5.08 -9.82 -4.46
C TRP A 139 4.43 -11.15 -4.87
N TYR A 140 4.43 -11.47 -6.17
CA TYR A 140 3.69 -12.64 -6.68
C TYR A 140 4.40 -13.93 -6.23
N TRP A 141 5.71 -13.97 -6.43
CA TRP A 141 6.62 -15.00 -5.88
C TRP A 141 6.37 -15.14 -4.36
N ASP A 142 6.25 -14.02 -3.65
CA ASP A 142 6.14 -14.06 -2.17
C ASP A 142 4.82 -14.76 -1.81
N LEU A 143 3.71 -14.32 -2.38
CA LEU A 143 2.37 -14.84 -1.98
C LEU A 143 2.21 -16.31 -2.42
N THR A 144 2.68 -16.65 -3.62
CA THR A 144 2.51 -18.00 -4.21
C THR A 144 3.42 -19.04 -3.54
N TYR A 145 4.52 -18.60 -2.92
CA TYR A 145 5.44 -19.49 -2.18
C TYR A 145 4.62 -20.35 -1.22
N ALA A 146 3.57 -19.78 -0.68
CA ALA A 146 2.75 -20.48 0.35
C ALA A 146 2.18 -21.81 -0.17
N PHE A 147 1.84 -21.90 -1.45
CA PHE A 147 1.19 -23.14 -1.99
C PHE A 147 2.20 -24.26 -2.20
N ASP A 152 -3.07 -26.56 4.21
CA ASP A 152 -3.66 -25.65 5.23
C ASP A 152 -3.64 -24.20 4.71
N SER A 153 -4.82 -23.67 4.36
CA SER A 153 -5.00 -22.32 3.73
C SER A 153 -4.91 -21.20 4.78
N LYS A 154 -5.23 -21.50 6.04
CA LYS A 154 -5.12 -20.54 7.17
C LYS A 154 -3.64 -20.33 7.49
N LYS A 155 -2.83 -21.38 7.34
CA LYS A 155 -1.35 -21.31 7.44
C LYS A 155 -0.81 -20.50 6.26
N MET A 156 -1.34 -20.69 5.04
CA MET A 156 -0.82 -20.10 3.78
C MET A 156 -0.10 -18.77 4.09
N ILE A 157 -0.74 -17.84 4.78
CA ILE A 157 -0.13 -16.50 5.04
C ILE A 157 1.16 -16.66 5.85
N GLU A 158 1.22 -17.63 6.76
CA GLU A 158 2.37 -17.87 7.67
C GLU A 158 3.52 -18.54 6.89
N ASN A 159 3.27 -18.96 5.65
CA ASN A 159 4.24 -19.67 4.78
C ASN A 159 4.51 -18.87 3.49
N ILE A 160 4.14 -17.58 3.41
CA ILE A 160 4.65 -16.73 2.31
C ILE A 160 6.19 -16.69 2.41
N ALA A 161 6.87 -16.43 1.31
CA ALA A 161 8.34 -16.38 1.29
C ALA A 161 8.87 -15.41 2.36
N SER A 162 8.18 -14.30 2.60
CA SER A 162 8.63 -13.21 3.50
C SER A 162 8.10 -13.40 4.93
N ALA A 163 7.69 -14.60 5.32
CA ALA A 163 6.99 -14.80 6.60
C ALA A 163 7.90 -14.41 7.79
N GLU A 164 9.23 -14.44 7.65
CA GLU A 164 10.15 -14.09 8.79
C GLU A 164 10.16 -12.55 8.96
N ILE A 165 9.57 -11.82 8.01
CA ILE A 165 9.47 -10.34 8.06
C ILE A 165 8.10 -9.97 8.58
N PRO A 166 8.06 -9.34 9.76
CA PRO A 166 6.79 -8.99 10.39
C PRO A 166 6.13 -7.76 9.78
N ARG A 167 4.89 -7.53 10.24
CA ARG A 167 4.07 -6.36 9.91
C ARG A 167 4.93 -5.09 10.00
N ILE A 168 4.77 -4.21 9.02
CA ILE A 168 5.44 -2.91 8.91
C ILE A 168 4.53 -1.83 9.53
N ASP A 169 5.06 -1.09 10.52
CA ASP A 169 4.33 0.03 11.19
C ASP A 169 4.35 1.26 10.28
N LEU A 170 5.53 1.54 9.73
CA LEU A 170 5.84 2.80 9.02
C LEU A 170 6.71 2.47 7.81
N LEU A 171 6.25 2.89 6.64
CA LEU A 171 6.99 2.73 5.38
C LEU A 171 7.38 4.15 4.97
N ILE A 172 8.66 4.35 4.72
CA ILE A 172 9.24 5.62 4.22
C ILE A 172 9.83 5.40 2.83
N ARG A 173 9.38 6.19 1.87
CA ARG A 173 9.81 6.08 0.47
C ARG A 173 10.44 7.40 0.06
N TRP A 174 11.67 7.31 -0.44
CA TRP A 174 12.37 8.47 -1.07
C TRP A 174 12.04 8.51 -2.55
N GLY A 175 12.28 9.64 -3.20
CA GLY A 175 12.10 9.77 -4.67
C GLY A 175 10.71 10.23 -5.05
N GLY A 176 9.83 10.49 -4.08
CA GLY A 176 8.59 11.25 -4.30
C GLY A 176 7.44 10.45 -4.89
N ARG A 177 7.62 9.17 -5.23
CA ARG A 177 6.48 8.35 -5.74
C ARG A 177 5.67 7.84 -4.54
N ARG A 178 4.33 7.95 -4.62
CA ARG A 178 3.43 7.50 -3.52
C ARG A 178 2.86 6.14 -3.87
N ARG A 179 3.65 5.09 -3.68
CA ARG A 179 3.24 3.75 -4.09
C ARG A 179 4.19 2.75 -3.44
N LEU A 180 3.78 1.50 -3.40
CA LEU A 180 4.49 0.41 -2.67
C LEU A 180 5.41 -0.34 -3.64
N SER A 181 5.18 -0.24 -4.94
CA SER A 181 5.93 -1.00 -5.98
C SER A 181 5.99 -2.47 -5.56
N GLY A 182 4.89 -2.98 -4.98
CA GLY A 182 4.76 -4.40 -4.65
C GLY A 182 5.66 -4.82 -3.51
N MET A 183 6.06 -3.89 -2.62
CA MET A 183 6.78 -4.27 -1.39
C MET A 183 5.82 -4.93 -0.42
N LEU A 184 6.04 -6.22 -0.16
CA LEU A 184 5.47 -6.95 1.01
C LEU A 184 3.98 -6.64 1.18
N PRO A 185 3.11 -7.03 0.22
CA PRO A 185 1.71 -6.68 0.31
C PRO A 185 1.03 -7.08 1.64
N VAL A 186 1.42 -8.21 2.23
CA VAL A 186 0.85 -8.70 3.51
C VAL A 186 1.29 -7.76 4.65
N GLN A 187 2.58 -7.46 4.75
CA GLN A 187 3.14 -6.69 5.89
C GLN A 187 2.81 -5.20 5.77
N THR A 188 2.37 -4.70 4.61
CA THR A 188 2.09 -3.26 4.40
C THR A 188 0.59 -2.93 4.45
N VAL A 189 -0.28 -3.90 4.74
CA VAL A 189 -1.76 -3.68 4.72
C VAL A 189 -2.14 -2.44 5.55
N TYR A 190 -1.50 -2.21 6.70
CA TYR A 190 -1.92 -1.16 7.66
C TYR A 190 -0.81 -0.13 7.87
N SER A 191 0.33 -0.28 7.19
CA SER A 191 1.49 0.63 7.32
C SER A 191 1.08 2.09 7.07
N ASP A 192 1.50 3.01 7.96
CA ASP A 192 1.55 4.45 7.62
C ASP A 192 2.66 4.66 6.58
N ILE A 193 2.37 5.47 5.57
CA ILE A 193 3.28 5.69 4.42
C ILE A 193 3.72 7.15 4.40
N TYR A 194 5.01 7.37 4.48
CA TYR A 194 5.60 8.73 4.46
C TYR A 194 6.50 8.79 3.21
N VAL A 195 6.31 9.79 2.39
CA VAL A 195 7.05 9.93 1.12
C VAL A 195 7.91 11.19 1.21
N VAL A 196 9.20 11.00 0.99
CA VAL A 196 10.23 12.08 0.90
C VAL A 196 10.39 12.37 -0.58
N ASP A 197 10.33 13.65 -0.94
CA ASP A 197 10.44 14.09 -2.37
C ASP A 197 11.87 13.86 -2.86
N GLU A 198 12.84 14.10 -2.00
CA GLU A 198 14.28 14.00 -2.38
C GLU A 198 14.61 12.55 -2.74
N MET A 199 15.45 12.37 -3.75
CA MET A 199 15.97 11.06 -4.15
C MET A 199 16.79 10.47 -3.00
N TRP A 200 16.83 9.13 -2.91
CA TRP A 200 17.46 8.35 -1.82
C TRP A 200 18.88 8.82 -1.50
N PRO A 201 19.78 9.03 -2.49
CA PRO A 201 21.16 9.43 -2.19
C PRO A 201 21.21 10.80 -1.52
N ASP A 202 20.14 11.61 -1.62
CA ASP A 202 20.00 12.88 -0.86
C ASP A 202 19.36 12.62 0.51
N PHE A 203 19.37 11.38 0.99
CA PHE A 203 18.93 11.07 2.37
C PHE A 203 19.52 12.08 3.38
N LYS A 204 18.68 12.58 4.28
CA LYS A 204 19.10 13.37 5.47
C LYS A 204 18.37 12.85 6.69
N PRO A 205 19.02 12.87 7.88
CA PRO A 205 18.37 12.51 9.14
C PRO A 205 16.97 13.11 9.29
N GLU A 206 16.75 14.37 8.90
CA GLU A 206 15.45 15.04 9.16
C GLU A 206 14.36 14.30 8.37
N HIS A 207 14.70 13.62 7.28
CA HIS A 207 13.72 12.79 6.52
C HIS A 207 13.11 11.74 7.46
N LEU A 208 13.96 10.98 8.12
CA LEU A 208 13.52 9.95 9.11
C LEU A 208 12.80 10.65 10.26
N PHE A 209 13.36 11.73 10.80
CA PHE A 209 12.77 12.38 12.02
C PHE A 209 11.38 12.87 11.65
N ASN A 210 11.23 13.45 10.46
CA ASN A 210 9.92 13.96 10.00
C ASN A 210 8.92 12.79 9.90
N ALA A 211 9.38 11.64 9.40
CA ALA A 211 8.52 10.43 9.25
C ALA A 211 8.12 9.92 10.63
N LEU A 212 9.05 9.91 11.60
CA LEU A 212 8.75 9.42 12.97
C LEU A 212 7.78 10.36 13.68
N GLU A 213 7.92 11.66 13.48
CA GLU A 213 7.02 12.70 14.04
C GLU A 213 5.61 12.46 13.49
N PHE A 214 5.54 12.25 12.19
CA PHE A 214 4.29 11.90 11.51
C PHE A 214 3.70 10.62 12.13
N TYR A 215 4.50 9.58 12.25
CA TYR A 215 4.05 8.27 12.78
C TYR A 215 3.42 8.44 14.17
N GLN A 216 4.08 9.18 15.05
CA GLN A 216 3.57 9.28 16.44
C GLN A 216 2.37 10.24 16.48
N ASP A 217 2.29 11.28 15.63
CA ASP A 217 1.09 12.17 15.54
C ASP A 217 0.06 11.57 14.57
N GLN A 218 -0.57 10.47 15.00
CA GLN A 218 -1.28 9.45 14.16
C GLN A 218 -2.13 8.58 15.11
N PRO B 9 -12.75 20.01 -16.31
CA PRO B 9 -11.28 20.12 -16.40
C PRO B 9 -10.66 18.98 -17.24
N LYS B 10 -9.62 19.31 -18.02
CA LYS B 10 -9.02 18.44 -19.06
C LYS B 10 -7.78 17.75 -18.48
N PHE B 11 -7.58 16.48 -18.80
CA PHE B 11 -6.45 15.65 -18.29
C PHE B 11 -5.72 14.99 -19.46
N LYS B 12 -4.38 15.07 -19.46
CA LYS B 12 -3.49 14.37 -20.43
C LYS B 12 -3.68 12.86 -20.30
N ARG B 13 -3.76 12.36 -19.06
CA ARG B 13 -3.78 10.90 -18.76
C ARG B 13 -4.78 10.67 -17.63
N LEU B 14 -5.62 9.64 -17.76
CA LEU B 14 -6.65 9.26 -16.77
C LEU B 14 -6.35 7.85 -16.30
N PRO B 15 -6.53 7.54 -15.00
CA PRO B 15 -6.40 6.16 -14.54
C PRO B 15 -7.56 5.32 -15.09
N GLY B 16 -7.30 4.06 -15.39
CA GLY B 16 -8.33 3.09 -15.78
C GLY B 16 -9.19 2.74 -14.59
N HIS B 17 -8.58 2.71 -13.40
CA HIS B 17 -9.23 2.15 -12.20
C HIS B 17 -8.83 2.96 -10.98
N ILE B 18 -9.83 3.62 -10.38
CA ILE B 18 -9.65 4.43 -9.15
C ILE B 18 -10.23 3.64 -7.96
N ALA B 19 -9.47 3.55 -6.87
CA ALA B 19 -9.93 3.06 -5.56
C ALA B 19 -10.17 4.27 -4.67
N ILE B 20 -11.23 4.20 -3.88
CA ILE B 20 -11.67 5.26 -2.95
C ILE B 20 -11.70 4.69 -1.54
N ILE B 21 -11.05 5.36 -0.60
CA ILE B 21 -11.23 5.06 0.84
C ILE B 21 -11.94 6.25 1.47
N PRO B 22 -13.26 6.14 1.69
CA PRO B 22 -14.08 7.24 2.22
C PRO B 22 -14.05 7.29 3.75
N ASP B 23 -12.88 7.61 4.28
CA ASP B 23 -12.59 7.62 5.73
C ASP B 23 -12.93 8.99 6.32
N GLY B 24 -13.20 9.03 7.62
CA GLY B 24 -13.30 10.29 8.39
C GLY B 24 -14.75 10.70 8.69
N ASN B 25 -15.71 9.78 8.55
CA ASN B 25 -17.15 10.11 8.74
C ASN B 25 -17.41 10.44 10.21
N ARG B 26 -16.78 9.74 11.13
CA ARG B 26 -16.99 9.91 12.58
C ARG B 26 -16.32 11.21 13.04
N ARG B 27 -15.09 11.47 12.62
CA ARG B 27 -14.40 12.76 12.93
C ARG B 27 -15.26 13.93 12.39
N TRP B 28 -15.73 13.80 11.16
CA TRP B 28 -16.55 14.83 10.49
C TRP B 28 -17.80 15.11 11.33
N ALA B 29 -18.46 14.04 11.78
CA ALA B 29 -19.69 14.14 12.58
C ALA B 29 -19.36 14.87 13.89
N LEU B 30 -18.33 14.41 14.62
CA LEU B 30 -17.95 14.95 15.94
C LEU B 30 -17.63 16.43 15.80
N ASP B 31 -16.92 16.80 14.74
CA ASP B 31 -16.50 18.20 14.50
C ASP B 31 -17.75 19.06 14.27
N ARG B 32 -18.81 18.53 13.65
CA ARG B 32 -20.07 19.26 13.38
C ARG B 32 -20.97 19.27 14.63
N GLY B 33 -20.52 18.72 15.76
CA GLY B 33 -21.35 18.56 16.97
C GLY B 33 -22.34 17.41 16.89
N LEU B 34 -22.29 16.55 15.87
CA LEU B 34 -23.24 15.40 15.72
C LEU B 34 -22.74 14.21 16.51
N GLU B 35 -23.57 13.18 16.63
CA GLU B 35 -23.13 11.87 17.20
C GLU B 35 -22.27 11.17 16.14
N LYS B 36 -21.33 10.33 16.59
CA LYS B 36 -20.36 9.57 15.77
C LYS B 36 -21.02 8.90 14.56
N HIS B 37 -22.16 8.26 14.74
CA HIS B 37 -22.79 7.41 13.71
C HIS B 37 -23.47 8.27 12.65
N GLU B 38 -23.63 9.58 12.87
CA GLU B 38 -24.42 10.46 11.98
C GLU B 38 -23.60 10.89 10.74
N GLY B 39 -22.29 10.67 10.72
CA GLY B 39 -21.46 11.04 9.55
C GLY B 39 -21.79 10.22 8.31
N TYR B 40 -22.17 8.96 8.47
CA TYR B 40 -22.25 7.98 7.35
C TYR B 40 -23.31 8.41 6.35
N LYS B 41 -24.47 8.88 6.80
CA LYS B 41 -25.57 9.31 5.87
C LYS B 41 -25.05 10.44 4.97
N HIS B 42 -24.12 11.24 5.49
CA HIS B 42 -23.53 12.42 4.79
C HIS B 42 -22.41 11.99 3.85
N GLY B 43 -22.07 10.68 3.78
CA GLY B 43 -21.06 10.14 2.86
C GLY B 43 -21.71 9.55 1.62
N ILE B 44 -23.04 9.54 1.53
CA ILE B 44 -23.74 8.91 0.37
C ILE B 44 -23.61 9.84 -0.84
N VAL B 45 -23.98 11.12 -0.67
CA VAL B 45 -24.05 12.07 -1.80
C VAL B 45 -22.64 12.31 -2.32
N PRO B 46 -21.61 12.45 -1.45
CA PRO B 46 -20.22 12.48 -1.95
C PRO B 46 -19.90 11.30 -2.89
N GLY B 47 -20.34 10.07 -2.55
CA GLY B 47 -20.17 8.88 -3.41
C GLY B 47 -20.84 9.02 -4.77
N LEU B 48 -22.10 9.46 -4.77
CA LEU B 48 -22.89 9.63 -6.01
C LEU B 48 -22.28 10.73 -6.86
N GLU B 49 -21.82 11.80 -6.22
CA GLU B 49 -21.17 12.95 -6.88
C GLU B 49 -19.83 12.46 -7.48
N LEU B 50 -19.06 11.66 -6.76
CA LEU B 50 -17.79 11.12 -7.32
C LEU B 50 -18.11 10.30 -8.57
N TYR B 51 -19.10 9.42 -8.48
CA TYR B 51 -19.58 8.57 -9.59
C TYR B 51 -19.90 9.43 -10.83
N ASP B 52 -20.67 10.50 -10.62
CA ASP B 52 -21.12 11.44 -11.68
C ASP B 52 -19.88 12.03 -12.38
N ILE B 53 -18.94 12.52 -11.58
CA ILE B 53 -17.71 13.13 -12.14
C ILE B 53 -16.97 12.08 -12.97
N CYS B 54 -16.90 10.85 -12.48
CA CYS B 54 -16.18 9.74 -13.15
C CYS B 54 -16.84 9.43 -14.50
N VAL B 55 -18.16 9.39 -14.54
CA VAL B 55 -18.92 9.16 -15.80
C VAL B 55 -18.57 10.31 -16.73
N LYS B 56 -18.68 11.54 -16.24
CA LYS B 56 -18.40 12.76 -17.03
C LYS B 56 -16.98 12.71 -17.61
N ILE B 57 -15.95 12.48 -16.79
CA ILE B 57 -14.56 12.62 -17.31
C ILE B 57 -14.17 11.33 -18.03
N GLY B 58 -14.90 10.23 -17.83
CA GLY B 58 -14.70 8.96 -18.57
C GLY B 58 -13.86 7.93 -17.81
N ILE B 59 -13.85 7.93 -16.48
CA ILE B 59 -13.11 6.88 -15.70
C ILE B 59 -13.86 5.58 -15.88
N GLY B 60 -13.20 4.51 -16.28
CA GLY B 60 -13.87 3.23 -16.58
C GLY B 60 -14.27 2.45 -15.33
N GLU B 61 -13.53 2.56 -14.22
CA GLU B 61 -13.74 1.64 -13.05
C GLU B 61 -13.34 2.35 -11.76
N VAL B 62 -14.17 2.18 -10.73
CA VAL B 62 -14.02 2.82 -9.39
C VAL B 62 -14.36 1.74 -8.36
N THR B 63 -13.48 1.54 -7.39
CA THR B 63 -13.74 0.62 -6.24
C THR B 63 -13.84 1.47 -4.98
N PHE B 64 -14.97 1.39 -4.30
CA PHE B 64 -15.17 2.01 -2.97
C PHE B 64 -14.83 0.99 -1.88
N PHE B 65 -14.06 1.39 -0.89
CA PHE B 65 -13.94 0.62 0.38
C PHE B 65 -15.18 0.94 1.24
N GLY B 66 -16.12 0.00 1.36
CA GLY B 66 -17.36 0.19 2.14
C GLY B 66 -17.11 -0.02 3.62
N PHE B 67 -16.77 -1.25 4.03
CA PHE B 67 -16.41 -1.58 5.42
C PHE B 67 -15.73 -2.94 5.47
N THR B 68 -14.88 -3.08 6.47
CA THR B 68 -14.11 -4.30 6.81
C THR B 68 -14.86 -5.15 7.83
N GLN B 69 -14.41 -6.40 7.94
CA GLN B 69 -14.86 -7.34 8.99
C GLN B 69 -14.61 -6.70 10.37
N ASP B 70 -13.46 -6.06 10.56
CA ASP B 70 -13.09 -5.38 11.83
C ASP B 70 -14.08 -4.26 12.14
N ASN B 71 -14.53 -3.53 11.12
CA ASN B 71 -15.46 -2.39 11.36
C ASN B 71 -16.78 -2.88 11.96
N THR B 72 -17.15 -4.16 11.75
CA THR B 72 -18.46 -4.68 12.25
C THR B 72 -18.41 -4.77 13.78
N LYS B 73 -17.24 -4.80 14.42
CA LYS B 73 -17.14 -4.85 15.90
C LYS B 73 -17.41 -3.48 16.52
N ARG B 74 -17.64 -2.43 15.73
CA ARG B 74 -17.91 -1.07 16.26
C ARG B 74 -19.28 -1.09 16.91
N PRO B 75 -19.60 -0.12 17.80
CA PRO B 75 -20.91 -0.05 18.42
C PRO B 75 -22.01 -0.23 17.36
N GLN B 76 -23.06 -0.96 17.72
CA GLN B 76 -24.21 -1.31 16.85
C GLN B 76 -24.70 -0.05 16.12
N ILE B 77 -24.84 1.06 16.84
CA ILE B 77 -25.45 2.28 16.25
C ILE B 77 -24.60 2.72 15.04
N GLN B 78 -23.27 2.68 15.16
CA GLN B 78 -22.32 3.04 14.07
C GLN B 78 -22.46 2.02 12.93
N ARG B 79 -22.48 0.72 13.23
CA ARG B 79 -22.50 -0.37 12.21
C ARG B 79 -23.79 -0.28 11.39
N LYS B 80 -24.93 -0.17 12.08
CA LYS B 80 -26.24 -0.07 11.39
C LYS B 80 -26.18 1.12 10.44
N ALA B 81 -25.63 2.27 10.89
CA ALA B 81 -25.60 3.52 10.09
C ALA B 81 -24.69 3.36 8.88
N PHE B 82 -23.48 2.80 9.05
CA PHE B 82 -22.56 2.62 7.89
C PHE B 82 -23.07 1.52 6.96
N VAL B 83 -23.64 0.43 7.48
CA VAL B 83 -24.25 -0.62 6.62
C VAL B 83 -25.40 0.02 5.80
N ASP B 84 -26.30 0.75 6.47
CA ASP B 84 -27.44 1.42 5.83
C ASP B 84 -26.92 2.36 4.73
N ALA B 85 -25.90 3.18 5.02
CA ALA B 85 -25.29 4.09 4.02
C ALA B 85 -24.75 3.33 2.80
N CYS B 86 -24.11 2.16 3.02
CA CYS B 86 -23.51 1.35 1.92
C CYS B 86 -24.63 0.79 1.06
N ILE B 87 -25.69 0.28 1.69
CA ILE B 87 -26.85 -0.27 0.93
C ILE B 87 -27.44 0.83 0.06
N LYS B 88 -27.73 2.01 0.63
CA LYS B 88 -28.33 3.17 -0.10
C LYS B 88 -27.45 3.59 -1.29
N SER B 89 -26.15 3.72 -1.07
CA SER B 89 -25.15 4.00 -2.13
C SER B 89 -25.31 2.99 -3.27
N VAL B 90 -25.31 1.69 -2.96
CA VAL B 90 -25.39 0.65 -4.03
C VAL B 90 -26.75 0.81 -4.75
N LYS B 91 -27.84 0.94 -4.00
CA LYS B 91 -29.22 1.04 -4.55
C LYS B 91 -29.27 2.23 -5.51
N GLU B 92 -28.85 3.39 -5.02
CA GLU B 92 -28.87 4.66 -5.79
C GLU B 92 -28.09 4.49 -7.07
N LEU B 93 -26.88 3.94 -7.01
CA LEU B 93 -25.98 3.84 -8.19
C LEU B 93 -26.65 2.95 -9.25
N SER B 94 -27.37 1.92 -8.79
CA SER B 94 -28.06 0.93 -9.65
C SER B 94 -29.19 1.63 -10.42
N LYS B 95 -29.62 2.81 -9.97
CA LYS B 95 -30.64 3.58 -10.71
C LYS B 95 -29.93 4.42 -11.77
N HIS B 96 -28.60 4.42 -11.85
CA HIS B 96 -27.86 5.41 -12.69
C HIS B 96 -26.77 4.78 -13.55
N ASP B 97 -27.00 3.65 -14.21
CA ASP B 97 -26.09 3.23 -15.31
C ASP B 97 -24.76 2.65 -14.77
N ALA B 98 -24.71 2.26 -13.51
CA ALA B 98 -23.50 1.62 -12.95
C ALA B 98 -23.57 0.12 -13.30
N GLU B 99 -22.43 -0.46 -13.63
CA GLU B 99 -22.21 -1.93 -13.62
C GLU B 99 -21.61 -2.25 -12.24
N LEU B 100 -22.43 -2.81 -11.34
CA LEU B 100 -22.13 -2.94 -9.90
C LEU B 100 -21.67 -4.34 -9.53
N LEU B 101 -20.64 -4.37 -8.69
CA LEU B 101 -20.20 -5.61 -8.03
C LEU B 101 -19.93 -5.28 -6.57
N VAL B 102 -20.44 -6.13 -5.69
CA VAL B 102 -20.08 -6.13 -4.24
C VAL B 102 -19.20 -7.34 -3.98
N VAL B 103 -18.07 -7.12 -3.31
CA VAL B 103 -17.13 -8.17 -2.87
C VAL B 103 -17.05 -8.06 -1.35
N GLY B 104 -17.20 -9.18 -0.67
CA GLY B 104 -17.05 -9.29 0.78
C GLY B 104 -17.41 -10.69 1.23
N ASN B 105 -17.22 -10.94 2.51
CA ASN B 105 -17.42 -12.29 3.08
C ASN B 105 -18.91 -12.48 3.30
N THR B 106 -19.57 -13.19 2.36
CA THR B 106 -21.02 -13.49 2.40
C THR B 106 -21.24 -14.62 3.40
N ASN B 107 -20.22 -15.41 3.71
CA ASN B 107 -20.32 -16.52 4.69
C ASN B 107 -20.19 -15.93 6.10
N SER B 108 -20.90 -14.82 6.36
CA SER B 108 -20.86 -14.01 7.60
C SER B 108 -22.24 -13.38 7.79
N ASP B 109 -22.73 -13.40 9.02
CA ASP B 109 -23.98 -12.73 9.45
C ASP B 109 -23.81 -11.21 9.31
N MET B 110 -22.60 -10.72 9.11
CA MET B 110 -22.35 -9.26 8.99
C MET B 110 -22.37 -8.82 7.51
N PHE B 111 -22.51 -9.73 6.56
CA PHE B 111 -22.74 -9.34 5.15
C PHE B 111 -24.17 -8.87 5.02
N PRO B 112 -24.45 -7.65 4.54
CA PRO B 112 -25.82 -7.16 4.44
C PRO B 112 -26.57 -7.94 3.37
N LYS B 113 -27.63 -8.61 3.78
CA LYS B 113 -28.44 -9.47 2.88
C LYS B 113 -28.91 -8.64 1.68
N GLU B 114 -29.13 -7.34 1.81
CA GLU B 114 -29.69 -6.54 0.68
C GLU B 114 -28.68 -6.45 -0.47
N LEU B 115 -27.41 -6.79 -0.24
CA LEU B 115 -26.34 -6.67 -1.24
C LEU B 115 -25.99 -8.04 -1.79
N LEU B 116 -26.68 -9.10 -1.40
CA LEU B 116 -26.44 -10.44 -2.01
C LEU B 116 -26.84 -10.43 -3.49
N ALA B 117 -27.65 -9.46 -3.91
CA ALA B 117 -28.10 -9.34 -5.32
C ALA B 117 -26.92 -8.92 -6.22
N TYR B 118 -25.80 -8.47 -5.65
CA TYR B 118 -24.70 -7.81 -6.40
C TYR B 118 -23.36 -8.55 -6.29
N THR B 119 -23.32 -9.78 -5.78
CA THR B 119 -22.05 -10.54 -5.65
C THR B 119 -21.63 -11.12 -7.01
N LYS B 120 -22.44 -10.98 -8.06
CA LYS B 120 -21.98 -11.21 -9.45
C LYS B 120 -22.26 -9.91 -10.21
N ARG B 121 -21.27 -9.46 -10.96
CA ARG B 121 -21.28 -8.12 -11.59
C ARG B 121 -22.57 -7.99 -12.40
N THR B 122 -23.33 -6.91 -12.18
CA THR B 122 -24.66 -6.67 -12.77
C THR B 122 -24.65 -5.31 -13.46
N LYS B 123 -24.93 -5.31 -14.76
CA LYS B 123 -25.08 -4.06 -15.55
C LYS B 123 -26.45 -3.44 -15.24
N PHE B 124 -26.44 -2.15 -14.84
CA PHE B 124 -27.64 -1.30 -14.72
C PHE B 124 -27.59 -0.18 -15.76
N GLY B 125 -28.74 0.08 -16.40
CA GLY B 125 -28.85 1.11 -17.45
C GLY B 125 -27.80 0.89 -18.51
N LYS B 126 -27.11 1.97 -18.89
CA LYS B 126 -26.09 1.92 -19.97
C LYS B 126 -24.77 1.34 -19.43
N GLY B 127 -24.63 1.15 -18.11
CA GLY B 127 -23.39 0.58 -17.56
C GLY B 127 -22.20 1.43 -18.01
N LYS B 128 -22.29 2.74 -17.79
CA LYS B 128 -21.28 3.76 -18.17
C LYS B 128 -19.95 3.54 -17.42
N VAL B 129 -19.95 2.83 -16.28
CA VAL B 129 -18.74 2.65 -15.42
C VAL B 129 -18.92 1.41 -14.55
N ARG B 130 -17.84 0.69 -14.32
CA ARG B 130 -17.80 -0.43 -13.33
C ARG B 130 -17.53 0.15 -11.96
N ILE B 131 -18.49 0.01 -11.07
CA ILE B 131 -18.40 0.38 -9.63
C ILE B 131 -18.31 -0.91 -8.83
N ASN B 132 -17.24 -1.05 -8.05
CA ASN B 132 -17.04 -2.15 -7.09
C ASN B 132 -17.19 -1.59 -5.67
N PHE B 133 -17.78 -2.37 -4.77
CA PHE B 133 -17.89 -2.08 -3.32
C PHE B 133 -17.33 -3.23 -2.51
N LEU B 134 -16.40 -2.92 -1.62
CA LEU B 134 -15.94 -3.86 -0.58
C LEU B 134 -16.81 -3.69 0.66
N VAL B 135 -17.47 -4.77 1.02
CA VAL B 135 -18.52 -4.79 2.08
C VAL B 135 -18.23 -6.04 2.91
N ASN B 136 -18.00 -5.90 4.22
CA ASN B 136 -17.64 -7.04 5.08
C ASN B 136 -16.36 -7.67 4.52
N TYR B 137 -15.42 -6.81 4.10
CA TYR B 137 -14.16 -7.21 3.41
C TYR B 137 -13.05 -7.39 4.45
N GLY B 138 -12.19 -8.37 4.23
CA GLY B 138 -10.88 -8.46 4.92
C GLY B 138 -9.83 -8.92 3.94
N TRP B 139 -8.64 -8.33 4.01
CA TRP B 139 -7.49 -8.73 3.15
C TRP B 139 -7.21 -10.21 3.34
N TYR B 140 -7.27 -10.69 4.58
CA TYR B 140 -6.82 -12.06 4.95
C TYR B 140 -7.81 -13.08 4.34
N TRP B 141 -9.10 -12.86 4.58
CA TRP B 141 -10.22 -13.57 3.91
C TRP B 141 -10.03 -13.55 2.39
N ASP B 142 -9.69 -12.40 1.81
CA ASP B 142 -9.51 -12.22 0.35
C ASP B 142 -8.41 -13.16 -0.16
N LEU B 143 -7.20 -13.07 0.39
CA LEU B 143 -6.02 -13.82 -0.12
C LEU B 143 -6.22 -15.33 0.12
N THR B 144 -6.70 -15.72 1.30
CA THR B 144 -6.82 -17.15 1.72
C THR B 144 -8.01 -17.82 1.01
N TYR B 145 -8.95 -17.04 0.45
CA TYR B 145 -10.10 -17.56 -0.33
C TYR B 145 -9.55 -18.58 -1.31
N ALA B 146 -8.42 -18.18 -1.90
CA ALA B 146 -7.50 -19.00 -2.72
C ALA B 146 -6.82 -20.05 -1.84
N ASP B 152 -3.30 -25.00 -9.08
CA ASP B 152 -1.94 -24.36 -9.10
C ASP B 152 -1.95 -23.13 -8.18
N SER B 153 -0.77 -22.63 -7.82
CA SER B 153 -0.57 -21.29 -7.21
C SER B 153 -0.75 -20.17 -8.27
N LYS B 154 -0.39 -20.47 -9.53
CA LYS B 154 -0.63 -19.62 -10.75
C LYS B 154 -2.13 -19.30 -10.84
N LYS B 155 -2.96 -20.33 -10.68
CA LYS B 155 -4.42 -20.22 -10.58
C LYS B 155 -4.74 -19.44 -9.29
N MET B 156 -4.27 -19.92 -8.14
CA MET B 156 -4.78 -19.52 -6.79
C MET B 156 -4.79 -17.99 -6.61
N ILE B 157 -3.80 -17.24 -7.10
CA ILE B 157 -3.87 -15.77 -6.91
C ILE B 157 -4.99 -15.21 -7.82
N GLU B 158 -5.24 -15.85 -8.96
CA GLU B 158 -6.36 -15.51 -9.87
C GLU B 158 -7.71 -15.91 -9.24
N ASN B 159 -7.71 -16.58 -8.08
CA ASN B 159 -8.93 -17.08 -7.38
C ASN B 159 -9.05 -16.45 -5.99
N ILE B 160 -8.32 -15.40 -5.70
CA ILE B 160 -8.59 -14.59 -4.48
C ILE B 160 -10.04 -14.10 -4.56
N ALA B 161 -10.67 -13.84 -3.42
CA ALA B 161 -12.10 -13.47 -3.36
C ALA B 161 -12.37 -12.25 -4.26
N SER B 162 -11.39 -11.33 -4.39
CA SER B 162 -11.51 -10.04 -5.13
C SER B 162 -11.04 -10.15 -6.58
N ALA B 163 -10.89 -11.38 -7.11
CA ALA B 163 -10.26 -11.66 -8.41
C ALA B 163 -10.96 -10.90 -9.54
N GLU B 164 -12.25 -10.61 -9.42
CA GLU B 164 -12.99 -9.85 -10.47
C GLU B 164 -12.70 -8.34 -10.34
N ILE B 165 -11.99 -7.90 -9.31
CA ILE B 165 -11.53 -6.48 -9.23
C ILE B 165 -10.10 -6.40 -9.76
N PRO B 166 -9.84 -5.60 -10.83
CA PRO B 166 -8.52 -5.59 -11.46
C PRO B 166 -7.59 -4.64 -10.72
N ARG B 167 -6.36 -4.60 -11.20
CA ARG B 167 -5.32 -3.69 -10.67
C ARG B 167 -5.91 -2.29 -10.52
N ILE B 168 -5.55 -1.62 -9.43
CA ILE B 168 -5.90 -0.19 -9.16
C ILE B 168 -4.74 0.69 -9.63
N ASP B 169 -5.01 1.74 -10.41
CA ASP B 169 -4.01 2.69 -10.96
C ASP B 169 -3.75 3.81 -9.94
N LEU B 170 -4.82 4.34 -9.35
CA LEU B 170 -4.83 5.49 -8.43
C LEU B 170 -5.76 5.14 -7.27
N LEU B 171 -5.24 5.26 -6.03
CA LEU B 171 -6.06 5.12 -4.81
C LEU B 171 -6.11 6.50 -4.17
N ILE B 172 -7.33 6.96 -3.89
CA ILE B 172 -7.59 8.26 -3.23
C ILE B 172 -8.25 7.97 -1.88
N ARG B 173 -7.67 8.53 -0.82
CA ARG B 173 -8.16 8.30 0.55
C ARG B 173 -8.45 9.67 1.17
N TRP B 174 -9.66 9.83 1.67
CA TRP B 174 -10.09 10.99 2.47
C TRP B 174 -9.76 10.69 3.93
N GLY B 175 -9.75 11.72 4.77
CA GLY B 175 -9.54 11.62 6.22
C GLY B 175 -8.09 11.78 6.62
N GLY B 176 -7.17 12.02 5.69
CA GLY B 176 -5.78 12.38 6.01
C GLY B 176 -4.90 11.23 6.49
N ARG B 177 -5.40 10.01 6.63
CA ARG B 177 -4.51 8.86 7.00
C ARG B 177 -3.83 8.32 5.73
N ARG B 178 -2.52 8.12 5.79
CA ARG B 178 -1.73 7.63 4.65
C ARG B 178 -1.49 6.13 4.86
N ARG B 179 -2.51 5.32 4.65
CA ARG B 179 -2.41 3.84 4.70
C ARG B 179 -3.56 3.20 3.90
N LEU B 180 -3.44 1.91 3.64
CA LEU B 180 -4.36 1.17 2.75
C LEU B 180 -5.52 0.56 3.54
N SER B 181 -5.37 0.43 4.86
CA SER B 181 -6.23 -0.33 5.79
C SER B 181 -6.63 -1.67 5.19
N GLY B 182 -5.66 -2.37 4.60
CA GLY B 182 -5.84 -3.72 4.05
C GLY B 182 -6.77 -3.71 2.86
N MET B 183 -6.88 -2.60 2.13
CA MET B 183 -7.69 -2.59 0.89
C MET B 183 -6.92 -3.32 -0.22
N LEU B 184 -7.42 -4.47 -0.67
CA LEU B 184 -7.02 -5.16 -1.93
C LEU B 184 -5.50 -5.16 -2.10
N PRO B 185 -4.80 -5.85 -1.20
CA PRO B 185 -3.34 -5.93 -1.23
C PRO B 185 -2.76 -6.30 -2.60
N VAL B 186 -3.41 -7.20 -3.34
CA VAL B 186 -2.89 -7.62 -4.66
C VAL B 186 -3.05 -6.47 -5.68
N GLN B 187 -4.24 -5.84 -5.70
CA GLN B 187 -4.62 -4.83 -6.72
C GLN B 187 -3.95 -3.48 -6.44
N THR B 188 -3.44 -3.25 -5.21
CA THR B 188 -2.84 -1.95 -4.78
C THR B 188 -1.31 -1.96 -4.82
N VAL B 189 -0.67 -3.06 -5.23
CA VAL B 189 0.82 -3.24 -5.24
C VAL B 189 1.51 -2.05 -5.92
N TYR B 190 1.01 -1.58 -7.06
CA TYR B 190 1.65 -0.48 -7.85
C TYR B 190 0.84 0.82 -7.86
N SER B 191 -0.31 0.86 -7.20
CA SER B 191 -1.24 2.01 -7.16
C SER B 191 -0.53 3.27 -6.67
N ASP B 192 -0.61 4.37 -7.43
CA ASP B 192 -0.28 5.73 -6.91
C ASP B 192 -1.33 6.10 -5.85
N ILE B 193 -0.90 6.65 -4.74
CA ILE B 193 -1.74 6.93 -3.55
C ILE B 193 -1.84 8.45 -3.36
N TYR B 194 -3.06 8.96 -3.35
CA TYR B 194 -3.34 10.39 -3.08
C TYR B 194 -4.24 10.44 -1.84
N VAL B 195 -3.80 11.22 -0.87
CA VAL B 195 -4.50 11.41 0.42
C VAL B 195 -5.04 12.84 0.43
N VAL B 196 -6.35 12.95 0.60
CA VAL B 196 -7.06 14.22 0.88
C VAL B 196 -7.15 14.36 2.39
N ASP B 197 -6.73 15.50 2.95
CA ASP B 197 -6.77 15.71 4.42
C ASP B 197 -8.21 15.83 4.92
N GLU B 198 -9.13 16.39 4.12
CA GLU B 198 -10.54 16.57 4.53
C GLU B 198 -11.24 15.22 4.69
N MET B 199 -12.19 15.17 5.60
CA MET B 199 -12.98 13.94 5.87
C MET B 199 -13.91 13.73 4.68
N TRP B 200 -14.29 12.47 4.46
CA TRP B 200 -15.06 12.02 3.29
C TRP B 200 -16.29 12.89 3.08
N PRO B 201 -17.12 13.18 4.11
CA PRO B 201 -18.35 13.96 3.87
C PRO B 201 -18.10 15.39 3.39
N ASP B 202 -16.87 15.90 3.49
CA ASP B 202 -16.48 17.22 2.95
C ASP B 202 -15.93 17.07 1.52
N PHE B 203 -16.08 15.91 0.88
CA PHE B 203 -15.70 15.66 -0.54
C PHE B 203 -16.03 16.88 -1.41
N LYS B 204 -15.09 17.31 -2.26
CA LYS B 204 -15.29 18.35 -3.29
C LYS B 204 -14.79 17.77 -4.60
N PRO B 205 -15.38 18.15 -5.75
CA PRO B 205 -14.84 17.76 -7.05
C PRO B 205 -13.33 18.01 -7.15
N GLU B 206 -12.83 19.08 -6.54
CA GLU B 206 -11.41 19.47 -6.72
C GLU B 206 -10.52 18.43 -6.06
N HIS B 207 -11.00 17.71 -5.04
CA HIS B 207 -10.23 16.64 -4.37
C HIS B 207 -9.87 15.61 -5.44
N LEU B 208 -10.88 15.17 -6.17
CA LEU B 208 -10.73 14.23 -7.28
C LEU B 208 -9.87 14.86 -8.37
N PHE B 209 -10.13 16.12 -8.75
CA PHE B 209 -9.31 16.78 -9.81
C PHE B 209 -7.86 16.83 -9.33
N ASN B 210 -7.64 17.11 -8.05
CA ASN B 210 -6.26 17.21 -7.53
C ASN B 210 -5.55 15.85 -7.62
N ALA B 211 -6.25 14.76 -7.29
CA ALA B 211 -5.69 13.38 -7.37
C ALA B 211 -5.35 13.06 -8.84
N LEU B 212 -6.21 13.46 -9.77
CA LEU B 212 -6.01 13.12 -11.21
C LEU B 212 -4.83 13.93 -11.77
N GLU B 213 -4.68 15.18 -11.35
CA GLU B 213 -3.51 15.98 -11.78
C GLU B 213 -2.25 15.28 -11.28
N PHE B 214 -2.25 14.87 -10.02
CA PHE B 214 -1.10 14.12 -9.43
C PHE B 214 -0.82 12.88 -10.30
N TYR B 215 -1.85 12.11 -10.61
CA TYR B 215 -1.65 10.84 -11.37
C TYR B 215 -0.98 11.12 -12.73
N GLN B 216 -1.50 12.10 -13.48
CA GLN B 216 -0.98 12.40 -14.84
C GLN B 216 0.46 12.90 -14.75
N ASP B 217 0.85 13.41 -13.58
CA ASP B 217 2.23 13.93 -13.37
C ASP B 217 3.17 12.78 -13.00
N GLN B 218 2.63 11.59 -12.75
CA GLN B 218 3.47 10.40 -12.45
C GLN B 218 3.83 9.69 -13.77
#